data_6J9P
#
_entry.id   6J9P
#
_cell.length_a   1.000
_cell.length_b   1.000
_cell.length_c   1.000
_cell.angle_alpha   90.00
_cell.angle_beta   90.00
_cell.angle_gamma   90.00
#
_symmetry.space_group_name_H-M   'P 1'
#
_entity_poly.entity_id   1
_entity_poly.type   'polypeptide(L)'
_entity_poly.pdbx_seq_one_letter_code
;RRLIRLILRLLR
;
_entity_poly.pdbx_strand_id   A
#
# COMPACT_ATOMS: atom_id res chain seq x y z
N ARG A 1 5.17 3.92 8.48
CA ARG A 1 4.72 4.48 7.17
C ARG A 1 4.86 3.44 6.05
N ARG A 2 4.13 3.67 4.97
CA ARG A 2 4.17 2.75 3.82
C ARG A 2 3.55 1.41 4.18
N LEU A 3 2.63 1.41 5.13
CA LEU A 3 1.95 0.18 5.55
C LEU A 3 0.78 -0.09 4.64
N ILE A 4 -0.15 0.86 4.61
CA ILE A 4 -1.32 0.79 3.77
C ILE A 4 -0.93 0.90 2.30
N ARG A 5 0.28 1.38 2.11
CA ARG A 5 0.85 1.63 0.80
C ARG A 5 1.27 0.40 0.08
N LEU A 6 2.26 -0.32 0.62
CA LEU A 6 2.66 -1.57 0.00
C LEU A 6 1.40 -2.35 -0.31
N ILE A 7 0.33 -1.93 0.34
CA ILE A 7 -0.96 -2.49 0.19
C ILE A 7 -1.69 -1.74 -0.87
N LEU A 8 -1.63 -0.46 -0.72
CA LEU A 8 -2.23 0.47 -1.64
C LEU A 8 -1.65 0.32 -3.02
N ARG A 9 -0.54 -0.35 -3.05
CA ARG A 9 0.21 -0.60 -4.24
C ARG A 9 -0.40 -1.71 -5.08
N LEU A 10 -0.74 -2.81 -4.43
CA LEU A 10 -1.39 -3.92 -5.10
C LEU A 10 -2.87 -3.63 -5.15
N LEU A 11 -3.27 -2.81 -4.19
CA LEU A 11 -4.63 -2.37 -4.03
C LEU A 11 -4.97 -1.35 -5.10
N ARG A 12 -4.01 -0.46 -5.35
CA ARG A 12 -4.19 0.59 -6.35
C ARG A 12 -5.13 1.68 -5.84
N ARG A 1 4.73 3.65 8.51
CA ARG A 1 4.68 4.24 7.15
C ARG A 1 4.76 3.15 6.08
N ARG A 2 4.24 3.47 4.89
CA ARG A 2 4.27 2.53 3.77
C ARG A 2 3.54 1.23 4.14
N LEU A 3 2.66 1.30 5.13
CA LEU A 3 1.90 0.14 5.57
C LEU A 3 0.67 -0.02 4.70
N ILE A 4 -0.02 1.08 4.51
CA ILE A 4 -1.22 1.14 3.69
C ILE A 4 -0.84 1.22 2.22
N ARG A 5 0.41 1.58 2.01
CA ARG A 5 0.97 1.80 0.69
C ARG A 5 1.34 0.53 0.00
N LEU A 6 2.32 -0.19 0.53
CA LEU A 6 2.69 -1.48 -0.03
C LEU A 6 1.41 -2.26 -0.29
N ILE A 7 0.36 -1.80 0.37
CA ILE A 7 -0.92 -2.38 0.26
C ILE A 7 -1.68 -1.68 -0.81
N LEU A 8 -1.70 -0.40 -0.69
CA LEU A 8 -2.34 0.46 -1.62
C LEU A 8 -1.73 0.32 -3.00
N ARG A 9 -0.60 -0.29 -3.01
CA ARG A 9 0.18 -0.52 -4.19
C ARG A 9 -0.40 -1.65 -5.04
N LEU A 10 -0.68 -2.76 -4.38
CA LEU A 10 -1.28 -3.91 -5.05
C LEU A 10 -2.77 -3.69 -5.10
N LEU A 11 -3.21 -2.89 -4.14
CA LEU A 11 -4.59 -2.50 -3.99
C LEU A 11 -4.97 -1.50 -5.07
N ARG A 12 -4.06 -0.56 -5.31
CA ARG A 12 -4.27 0.48 -6.31
C ARG A 12 -5.29 1.50 -5.82
N ARG A 1 4.36 3.96 7.79
CA ARG A 1 4.47 4.87 6.62
C ARG A 1 4.02 4.16 5.34
N ARG A 2 4.63 3.01 5.06
CA ARG A 2 4.30 2.24 3.87
C ARG A 2 3.58 0.96 4.23
N LEU A 3 2.70 1.03 5.23
CA LEU A 3 1.93 -0.12 5.67
C LEU A 3 0.69 -0.27 4.80
N ILE A 4 0.01 0.86 4.62
CA ILE A 4 -1.18 0.94 3.80
C ILE A 4 -0.80 1.07 2.34
N ARG A 5 0.46 1.41 2.14
CA ARG A 5 1.03 1.65 0.84
C ARG A 5 1.37 0.40 0.11
N LEU A 6 2.34 -0.34 0.63
CA LEU A 6 2.69 -1.61 0.01
C LEU A 6 1.41 -2.37 -0.28
N ILE A 7 0.36 -1.92 0.40
CA ILE A 7 -0.93 -2.47 0.26
C ILE A 7 -1.68 -1.73 -0.80
N LEU A 8 -1.66 -0.44 -0.62
CA LEU A 8 -2.28 0.46 -1.53
C LEU A 8 -1.67 0.35 -2.92
N ARG A 9 -0.54 -0.28 -2.93
CA ARG A 9 0.23 -0.49 -4.12
C ARG A 9 -0.37 -1.57 -5.01
N LEU A 10 -0.70 -2.69 -4.40
CA LEU A 10 -1.33 -3.78 -5.12
C LEU A 10 -2.82 -3.51 -5.17
N LEU A 11 -3.24 -2.77 -4.15
CA LEU A 11 -4.61 -2.33 -3.98
C LEU A 11 -4.94 -1.29 -5.04
N ARG A 12 -3.98 -0.40 -5.28
CA ARG A 12 -4.14 0.66 -6.26
C ARG A 12 -5.20 1.67 -5.81
N ARG A 1 4.49 3.71 8.50
CA ARG A 1 4.60 4.28 7.13
C ARG A 1 4.73 3.18 6.08
N ARG A 2 4.24 3.47 4.88
CA ARG A 2 4.30 2.50 3.78
C ARG A 2 3.58 1.21 4.14
N LEU A 3 2.69 1.28 5.12
CA LEU A 3 1.93 0.12 5.56
C LEU A 3 0.69 -0.04 4.69
N ILE A 4 0.00 1.08 4.50
CA ILE A 4 -1.19 1.14 3.68
C ILE A 4 -0.81 1.23 2.21
N ARG A 5 0.44 1.57 2.00
CA ARG A 5 1.00 1.78 0.67
C ARG A 5 1.35 0.50 -0.01
N LEU A 6 2.33 -0.22 0.53
CA LEU A 6 2.69 -1.50 -0.04
C LEU A 6 1.41 -2.28 -0.29
N ILE A 7 0.36 -1.81 0.37
CA ILE A 7 -0.93 -2.38 0.26
C ILE A 7 -1.67 -1.68 -0.82
N LEU A 8 -1.69 -0.39 -0.69
CA LEU A 8 -2.33 0.47 -1.62
C LEU A 8 -1.73 0.33 -3.01
N ARG A 9 -0.59 -0.30 -3.01
CA ARG A 9 0.17 -0.53 -4.20
C ARG A 9 -0.40 -1.66 -5.04
N LEU A 10 -0.70 -2.77 -4.38
CA LEU A 10 -1.29 -3.91 -5.05
C LEU A 10 -2.80 -3.68 -5.09
N LEU A 11 -3.22 -2.88 -4.13
CA LEU A 11 -4.61 -2.49 -3.96
C LEU A 11 -4.99 -1.48 -5.03
N ARG A 12 -4.06 -0.56 -5.30
CA ARG A 12 -4.28 0.49 -6.29
C ARG A 12 -5.24 1.55 -5.76
N ARG A 1 4.53 3.68 8.50
CA ARG A 1 4.61 4.28 7.14
C ARG A 1 4.74 3.21 6.07
N ARG A 2 4.22 3.49 4.89
CA ARG A 2 4.28 2.54 3.78
C ARG A 2 3.58 1.23 4.13
N LEU A 3 2.70 1.29 5.12
CA LEU A 3 1.95 0.12 5.55
C LEU A 3 0.71 -0.04 4.68
N ILE A 4 0.01 1.07 4.51
CA ILE A 4 -1.19 1.12 3.69
C ILE A 4 -0.81 1.22 2.24
N ARG A 5 0.44 1.56 2.01
CA ARG A 5 0.99 1.77 0.69
C ARG A 5 1.36 0.49 0.00
N LEU A 6 2.33 -0.23 0.54
CA LEU A 6 2.69 -1.52 -0.04
C LEU A 6 1.40 -2.29 -0.29
N ILE A 7 0.36 -1.82 0.37
CA ILE A 7 -0.93 -2.39 0.26
C ILE A 7 -1.68 -1.68 -0.81
N LEU A 8 -1.69 -0.40 -0.69
CA LEU A 8 -2.33 0.46 -1.63
C LEU A 8 -1.73 0.33 -3.00
N ARG A 9 -0.59 -0.30 -3.01
CA ARG A 9 0.18 -0.53 -4.19
C ARG A 9 -0.40 -1.65 -5.04
N LEU A 10 -0.71 -2.76 -4.38
CA LEU A 10 -1.31 -3.91 -5.05
C LEU A 10 -2.80 -3.67 -5.10
N LEU A 11 -3.24 -2.88 -4.13
CA LEU A 11 -4.61 -2.47 -3.97
C LEU A 11 -4.98 -1.46 -5.05
N ARG A 12 -4.06 -0.55 -5.31
CA ARG A 12 -4.27 0.50 -6.31
C ARG A 12 -5.29 1.52 -5.83
N ARG A 1 4.94 3.90 7.74
CA ARG A 1 4.31 4.85 6.78
C ARG A 1 3.88 4.15 5.49
N ARG A 2 4.64 3.14 5.09
CA ARG A 2 4.34 2.39 3.88
C ARG A 2 3.64 1.07 4.23
N LEU A 3 2.72 1.14 5.18
CA LEU A 3 1.96 -0.04 5.60
C LEU A 3 0.77 -0.22 4.68
N ILE A 4 -0.09 0.78 4.66
CA ILE A 4 -1.27 0.80 3.81
C ILE A 4 -0.86 0.95 2.36
N ARG A 5 0.37 1.36 2.20
CA ARG A 5 0.95 1.64 0.90
C ARG A 5 1.34 0.40 0.16
N LEU A 6 2.30 -0.34 0.69
CA LEU A 6 2.68 -1.59 0.06
C LEU A 6 1.42 -2.36 -0.26
N ILE A 7 0.34 -1.93 0.39
CA ILE A 7 -0.94 -2.49 0.23
C ILE A 7 -1.68 -1.74 -0.82
N LEU A 8 -1.66 -0.46 -0.65
CA LEU A 8 -2.26 0.46 -1.56
C LEU A 8 -1.66 0.35 -2.94
N ARG A 9 -0.53 -0.30 -2.96
CA ARG A 9 0.24 -0.53 -4.14
C ARG A 9 -0.37 -1.61 -5.02
N LEU A 10 -0.73 -2.72 -4.40
CA LEU A 10 -1.37 -3.82 -5.10
C LEU A 10 -2.85 -3.52 -5.15
N LEU A 11 -3.26 -2.76 -4.16
CA LEU A 11 -4.62 -2.30 -4.02
C LEU A 11 -4.94 -1.27 -5.08
N ARG A 12 -3.96 -0.40 -5.33
CA ARG A 12 -4.11 0.66 -6.32
C ARG A 12 -5.11 1.71 -5.86
N ARG A 1 4.37 3.91 7.83
CA ARG A 1 4.27 4.86 6.69
C ARG A 1 3.85 4.13 5.41
N ARG A 2 4.60 3.10 5.04
CA ARG A 2 4.32 2.32 3.85
C ARG A 2 3.62 1.01 4.20
N LEU A 3 2.75 1.06 5.20
CA LEU A 3 1.99 -0.11 5.63
C LEU A 3 0.75 -0.26 4.78
N ILE A 4 0.05 0.86 4.61
CA ILE A 4 -1.14 0.93 3.80
C ILE A 4 -0.76 1.05 2.34
N ARG A 5 0.50 1.41 2.14
CA ARG A 5 1.07 1.64 0.82
C ARG A 5 1.41 0.39 0.10
N LEU A 6 2.36 -0.39 0.61
CA LEU A 6 2.70 -1.65 -0.01
C LEU A 6 1.41 -2.39 -0.30
N ILE A 7 0.37 -1.93 0.39
CA ILE A 7 -0.93 -2.47 0.26
C ILE A 7 -1.67 -1.73 -0.79
N LEU A 8 -1.64 -0.44 -0.63
CA LEU A 8 -2.26 0.46 -1.53
C LEU A 8 -1.66 0.36 -2.91
N ARG A 9 -0.54 -0.30 -2.94
CA ARG A 9 0.23 -0.51 -4.13
C ARG A 9 -0.39 -1.59 -5.01
N LEU A 10 -0.74 -2.71 -4.39
CA LEU A 10 -1.38 -3.81 -5.10
C LEU A 10 -2.87 -3.50 -5.14
N LEU A 11 -3.28 -2.76 -4.13
CA LEU A 11 -4.63 -2.31 -3.97
C LEU A 11 -4.96 -1.27 -5.03
N ARG A 12 -3.98 -0.39 -5.28
CA ARG A 12 -4.14 0.67 -6.27
C ARG A 12 -5.11 1.73 -5.78
N ARG A 1 5.06 3.63 7.84
CA ARG A 1 4.72 4.68 6.82
C ARG A 1 4.09 4.05 5.58
N ARG A 2 4.75 3.03 5.03
CA ARG A 2 4.25 2.36 3.84
C ARG A 2 3.53 1.07 4.20
N LEU A 3 2.59 1.16 5.15
CA LEU A 3 1.81 0.00 5.57
C LEU A 3 0.62 -0.16 4.64
N ILE A 4 -0.20 0.88 4.62
CA ILE A 4 -1.37 0.94 3.77
C ILE A 4 -0.96 1.10 2.31
N ARG A 5 0.30 1.48 2.15
CA ARG A 5 0.89 1.74 0.86
C ARG A 5 1.30 0.51 0.14
N LEU A 6 2.27 -0.21 0.67
CA LEU A 6 2.67 -1.46 0.06
C LEU A 6 1.43 -2.27 -0.24
N ILE A 7 0.35 -1.86 0.41
CA ILE A 7 -0.92 -2.45 0.25
C ILE A 7 -1.68 -1.75 -0.82
N LEU A 8 -1.70 -0.46 -0.66
CA LEU A 8 -2.34 0.42 -1.57
C LEU A 8 -1.72 0.32 -2.95
N ARG A 9 -0.57 -0.29 -2.96
CA ARG A 9 0.21 -0.49 -4.13
C ARG A 9 -0.35 -1.59 -5.01
N LEU A 10 -0.64 -2.72 -4.39
CA LEU A 10 -1.23 -3.86 -5.10
C LEU A 10 -2.72 -3.65 -5.14
N LEU A 11 -3.16 -2.82 -4.21
CA LEU A 11 -4.55 -2.44 -4.06
C LEU A 11 -4.92 -1.39 -5.09
N ARG A 12 -3.98 -0.48 -5.31
CA ARG A 12 -4.18 0.62 -6.26
C ARG A 12 -5.11 1.68 -5.68
N ARG A 1 4.53 4.11 7.78
CA ARG A 1 4.39 5.05 6.64
C ARG A 1 3.93 4.32 5.38
N ARG A 2 4.57 3.19 5.08
CA ARG A 2 4.24 2.42 3.89
C ARG A 2 3.60 1.08 4.27
N LEU A 3 2.71 1.11 5.25
CA LEU A 3 2.01 -0.09 5.71
C LEU A 3 0.81 -0.34 4.82
N ILE A 4 -0.01 0.70 4.69
CA ILE A 4 -1.19 0.68 3.85
C ILE A 4 -0.80 0.81 2.40
N ARG A 5 0.41 1.26 2.21
CA ARG A 5 0.99 1.54 0.91
C ARG A 5 1.39 0.31 0.16
N LEU A 6 2.34 -0.45 0.67
CA LEU A 6 2.71 -1.70 0.02
C LEU A 6 1.42 -2.43 -0.32
N ILE A 7 0.36 -1.99 0.36
CA ILE A 7 -0.94 -2.51 0.18
C ILE A 7 -1.66 -1.71 -0.84
N LEU A 8 -1.56 -0.43 -0.66
CA LEU A 8 -2.13 0.53 -1.55
C LEU A 8 -1.57 0.39 -2.95
N ARG A 9 -0.49 -0.34 -2.99
CA ARG A 9 0.25 -0.58 -4.19
C ARG A 9 -0.41 -1.67 -5.05
N LEU A 10 -0.78 -2.76 -4.40
CA LEU A 10 -1.46 -3.85 -5.09
C LEU A 10 -2.93 -3.51 -5.14
N LEU A 11 -3.31 -2.70 -4.16
CA LEU A 11 -4.65 -2.21 -4.00
C LEU A 11 -4.97 -1.19 -5.08
N ARG A 12 -4.01 -0.29 -5.33
CA ARG A 12 -4.16 0.75 -6.33
C ARG A 12 -5.12 1.84 -5.84
N ARG A 1 5.35 3.66 7.71
CA ARG A 1 4.92 4.71 6.75
C ARG A 1 4.13 4.12 5.59
N ARG A 2 4.74 3.14 4.91
CA ARG A 2 4.11 2.48 3.78
C ARG A 2 3.45 1.17 4.21
N LEU A 3 2.54 1.25 5.16
CA LEU A 3 1.83 0.06 5.64
C LEU A 3 0.64 -0.22 4.75
N ILE A 4 -0.25 0.76 4.69
CA ILE A 4 -1.44 0.69 3.86
C ILE A 4 -1.06 0.86 2.41
N ARG A 5 0.14 1.38 2.23
CA ARG A 5 0.71 1.69 0.93
C ARG A 5 1.19 0.48 0.19
N LEU A 6 2.19 -0.20 0.72
CA LEU A 6 2.66 -1.42 0.09
C LEU A 6 1.43 -2.25 -0.25
N ILE A 7 0.34 -1.88 0.39
CA ILE A 7 -0.92 -2.50 0.21
C ILE A 7 -1.67 -1.75 -0.84
N LEU A 8 -1.68 -0.47 -0.66
CA LEU A 8 -2.30 0.44 -1.56
C LEU A 8 -1.69 0.36 -2.94
N ARG A 9 -0.56 -0.28 -2.96
CA ARG A 9 0.22 -0.46 -4.14
C ARG A 9 -0.34 -1.56 -5.03
N LEU A 10 -0.67 -2.69 -4.42
CA LEU A 10 -1.26 -3.81 -5.14
C LEU A 10 -2.76 -3.56 -5.19
N LEU A 11 -3.21 -2.83 -4.19
CA LEU A 11 -4.58 -2.43 -4.03
C LEU A 11 -4.94 -1.39 -5.08
N ARG A 12 -3.97 -0.54 -5.39
CA ARG A 12 -4.14 0.53 -6.37
C ARG A 12 -4.66 1.80 -5.70
#